data_9MG1
#
_entry.id   9MG1
#
_cell.length_a   63.185
_cell.length_b   65.235
_cell.length_c   74.936
_cell.angle_alpha   90.00
_cell.angle_beta   94.39
_cell.angle_gamma   90.00
#
_symmetry.space_group_name_H-M   'P 1 21 1'
#
loop_
_entity.id
_entity.type
_entity.pdbx_description
1 polymer 'mRNA cap guanine-N(7) methyltransferase'
2 non-polymer ADENINE
3 non-polymer "7-METHYL-GUANOSINE-5'-TRIPHOSPHATE"
4 non-polymer 1-ETHOXY-2-(2-ETHOXYETHOXY)ETHANE
5 non-polymer 'SULFATE ION'
6 non-polymer 1,2-ETHANEDIOL
7 water water
#
_entity_poly.entity_id   1
_entity_poly.type   'polypeptide(L)'
_entity_poly.pdbx_seq_one_letter_code
;SPIIKLRNFNNAIKYILIDKFTRAGDVVLELACGKGGDLRKYGAAGISQFIGIDISNASITEALKRYHSMKNLEYQVILI
TGDCFGESLGVAVESFPECRFPCDIVSCQFALHYAFETEEKARRMLLNVVKSLKIGGYFFGTIPDSEFIRYKMNKIPESV
EKPSWGNSIYKVTFSNNEYQKNGNEFPSPFGQMYTFWLEDAIDNVPEYVIPFESFRSLADEYGMELELQKGFNEFFVEEI
PNWVNRFSPKMREGLKRSDGRYGVEGVEKEPAAYFYTTFAFRKVRDYQE
;
_entity_poly.pdbx_strand_id   A,B
#
# COMPACT_ATOMS: atom_id res chain seq x y z
N SER A 1 13.75 -16.66 -9.48
CA SER A 1 13.51 -16.37 -8.07
C SER A 1 12.88 -15.01 -7.88
N PRO A 2 12.28 -14.76 -6.70
CA PRO A 2 11.73 -13.43 -6.45
C PRO A 2 12.75 -12.31 -6.60
N ILE A 3 13.96 -12.47 -6.09
CA ILE A 3 14.92 -11.38 -6.18
C ILE A 3 15.35 -11.14 -7.63
N ILE A 4 15.51 -12.20 -8.41
CA ILE A 4 15.85 -11.99 -9.83
C ILE A 4 14.74 -11.23 -10.54
N LYS A 5 13.47 -11.59 -10.26
CA LYS A 5 12.35 -10.88 -10.86
C LYS A 5 12.31 -9.42 -10.42
N LEU A 6 12.61 -9.15 -9.13
CA LEU A 6 12.65 -7.78 -8.65
C LEU A 6 13.74 -6.99 -9.37
N ARG A 7 14.92 -7.56 -9.52
CA ARG A 7 16.03 -6.83 -10.19
C ARG A 7 15.66 -6.54 -11.65
N ASN A 8 15.02 -7.51 -12.30
CA ASN A 8 14.66 -7.25 -13.69
C ASN A 8 13.59 -6.19 -13.79
N PHE A 9 12.59 -6.23 -12.90
CA PHE A 9 11.55 -5.22 -12.92
C PHE A 9 12.11 -3.84 -12.66
N ASN A 10 12.96 -3.70 -11.64
CA ASN A 10 13.51 -2.39 -11.34
C ASN A 10 14.44 -1.90 -12.43
N ASN A 11 15.16 -2.82 -13.10
N ASN A 11 15.15 -2.82 -13.09
CA ASN A 11 15.97 -2.41 -14.24
CA ASN A 11 15.97 -2.46 -14.24
C ASN A 11 15.09 -1.90 -15.37
C ASN A 11 15.10 -1.92 -15.37
N ALA A 12 13.94 -2.56 -15.60
CA ALA A 12 12.99 -2.09 -16.59
C ALA A 12 12.45 -0.71 -16.22
N ILE A 13 12.13 -0.48 -14.95
CA ILE A 13 11.67 0.85 -14.53
C ILE A 13 12.73 1.89 -14.89
N LYS A 14 14.00 1.59 -14.60
CA LYS A 14 15.06 2.54 -14.89
C LYS A 14 15.21 2.77 -16.40
N TYR A 15 15.10 1.70 -17.20
CA TYR A 15 15.13 1.90 -18.66
C TYR A 15 14.06 2.89 -19.10
N ILE A 16 12.82 2.65 -18.66
CA ILE A 16 11.70 3.48 -19.07
C ILE A 16 11.91 4.91 -18.61
N LEU A 17 12.34 5.08 -17.37
CA LEU A 17 12.49 6.39 -16.78
C LEU A 17 13.59 7.16 -17.49
N ILE A 18 14.73 6.50 -17.72
CA ILE A 18 15.82 7.19 -18.41
C ILE A 18 15.36 7.59 -19.80
N ASP A 19 14.74 6.68 -20.52
CA ASP A 19 14.28 7.01 -21.87
C ASP A 19 13.29 8.18 -21.85
N LYS A 20 12.43 8.22 -20.83
CA LYS A 20 11.38 9.25 -20.77
C LYS A 20 11.98 10.65 -20.75
N PHE A 21 13.11 10.85 -20.07
CA PHE A 21 13.65 12.18 -19.83
C PHE A 21 14.94 12.50 -20.57
N THR A 22 15.57 11.54 -21.22
CA THR A 22 16.85 11.76 -21.88
C THR A 22 16.64 11.81 -23.38
N ARG A 23 17.35 12.73 -24.04
CA ARG A 23 17.30 12.89 -25.47
C ARG A 23 18.70 12.81 -26.06
N ALA A 24 18.77 12.55 -27.35
CA ALA A 24 20.05 12.44 -28.02
C ALA A 24 20.85 13.73 -27.88
N GLY A 25 22.11 13.58 -27.51
CA GLY A 25 23.00 14.69 -27.32
C GLY A 25 23.09 15.20 -25.89
N ASP A 26 22.22 14.72 -25.00
CA ASP A 26 22.19 15.23 -23.64
C ASP A 26 23.47 14.90 -22.87
N VAL A 27 23.80 15.75 -21.94
CA VAL A 27 24.81 15.46 -20.93
C VAL A 27 24.08 15.11 -19.64
N VAL A 28 24.45 13.97 -19.06
CA VAL A 28 23.80 13.48 -17.85
CA VAL A 28 23.80 13.44 -17.86
C VAL A 28 24.79 13.48 -16.70
N LEU A 29 24.34 14.00 -15.57
CA LEU A 29 25.04 13.86 -14.30
C LEU A 29 24.26 12.85 -13.46
N GLU A 30 24.94 11.78 -13.06
CA GLU A 30 24.31 10.75 -12.24
C GLU A 30 24.92 10.85 -10.84
N LEU A 31 24.10 11.26 -9.88
CA LEU A 31 24.51 11.34 -8.49
C LEU A 31 24.47 9.98 -7.85
N ALA A 32 25.45 9.71 -6.99
CA ALA A 32 25.51 8.45 -6.24
C ALA A 32 25.41 7.27 -7.20
N CYS A 33 26.25 7.31 -8.24
CA CYS A 33 26.17 6.37 -9.36
C CYS A 33 26.58 4.96 -8.99
N GLY A 34 27.12 4.75 -7.79
CA GLY A 34 27.50 3.41 -7.35
C GLY A 34 28.48 2.80 -8.34
N LYS A 35 28.22 1.56 -8.73
CA LYS A 35 29.11 0.85 -9.64
C LYS A 35 28.79 1.14 -11.11
N GLY A 36 27.96 2.12 -11.41
CA GLY A 36 27.76 2.57 -12.77
C GLY A 36 27.11 1.58 -13.71
N GLY A 37 26.00 0.96 -13.29
CA GLY A 37 25.35 -0.08 -14.06
C GLY A 37 24.31 0.35 -15.07
N ASP A 38 24.09 1.64 -15.28
CA ASP A 38 23.08 2.09 -16.23
C ASP A 38 23.65 2.70 -17.51
N LEU A 39 24.95 2.51 -17.78
CA LEU A 39 25.54 3.16 -18.95
C LEU A 39 24.84 2.77 -20.24
N ARG A 40 24.46 1.50 -20.39
CA ARG A 40 23.81 1.06 -21.62
C ARG A 40 22.44 1.72 -21.79
N LYS A 41 21.75 2.05 -20.69
CA LYS A 41 20.48 2.73 -20.80
C LYS A 41 20.66 4.13 -21.34
N TYR A 42 21.66 4.87 -20.84
CA TYR A 42 21.93 6.18 -21.38
C TYR A 42 22.42 6.10 -22.82
N GLY A 43 23.22 5.10 -23.14
CA GLY A 43 23.68 4.94 -24.51
C GLY A 43 22.53 4.74 -25.48
N ALA A 44 21.51 3.99 -25.05
CA ALA A 44 20.36 3.76 -25.91
C ALA A 44 19.62 5.05 -26.22
N ALA A 45 19.64 6.01 -25.29
CA ALA A 45 19.01 7.31 -25.49
C ALA A 45 19.91 8.26 -26.27
N GLY A 46 21.17 7.92 -26.49
CA GLY A 46 22.02 8.71 -27.34
C GLY A 46 22.73 9.86 -26.67
N ILE A 47 23.05 9.75 -25.39
CA ILE A 47 23.72 10.86 -24.70
C ILE A 47 25.06 11.14 -25.35
N SER A 48 25.57 12.34 -25.10
CA SER A 48 26.92 12.68 -25.49
C SER A 48 27.93 12.53 -24.38
N GLN A 49 27.53 12.69 -23.13
CA GLN A 49 28.48 12.60 -22.03
C GLN A 49 27.73 12.17 -20.80
N PHE A 50 28.33 11.24 -20.06
CA PHE A 50 27.86 10.76 -18.77
C PHE A 50 28.89 11.17 -17.73
N ILE A 51 28.43 11.80 -16.64
CA ILE A 51 29.27 12.13 -15.51
C ILE A 51 28.66 11.44 -14.30
N GLY A 52 29.37 10.48 -13.72
CA GLY A 52 28.89 9.76 -12.55
C GLY A 52 29.77 10.09 -11.36
N ILE A 53 29.13 10.35 -10.22
CA ILE A 53 29.84 10.68 -9.00
C ILE A 53 29.31 9.76 -7.90
N ASP A 54 30.22 9.18 -7.14
CA ASP A 54 29.84 8.37 -6.00
C ASP A 54 30.84 8.62 -4.89
N ILE A 55 30.37 8.53 -3.65
CA ILE A 55 31.22 8.80 -2.49
C ILE A 55 32.24 7.70 -2.28
N SER A 56 32.03 6.51 -2.83
CA SER A 56 32.89 5.35 -2.54
C SER A 56 33.93 5.16 -3.63
N ASN A 57 35.22 5.22 -3.24
CA ASN A 57 36.25 4.92 -4.22
CA ASN A 57 36.30 4.90 -4.17
C ASN A 57 36.19 3.46 -4.68
N ALA A 58 35.83 2.53 -3.78
CA ALA A 58 35.68 1.15 -4.22
C ALA A 58 34.62 1.04 -5.30
N SER A 59 33.53 1.79 -5.17
CA SER A 59 32.48 1.72 -6.18
C SER A 59 32.93 2.35 -7.49
N ILE A 60 33.58 3.51 -7.44
CA ILE A 60 34.03 4.19 -8.65
C ILE A 60 35.11 3.39 -9.31
N THR A 61 36.05 2.85 -8.51
CA THR A 61 37.08 1.99 -9.07
C THR A 61 36.42 0.84 -9.81
N GLU A 62 35.36 0.26 -9.23
CA GLU A 62 34.63 -0.80 -9.91
C GLU A 62 33.91 -0.24 -11.15
N ALA A 63 33.29 0.93 -11.04
CA ALA A 63 32.61 1.50 -12.20
C ALA A 63 33.59 1.76 -13.33
N LEU A 64 34.80 2.23 -13.01
CA LEU A 64 35.82 2.45 -14.03
C LEU A 64 36.27 1.12 -14.64
N LYS A 65 36.49 0.11 -13.80
CA LYS A 65 36.81 -1.22 -14.30
C LYS A 65 35.76 -1.68 -15.29
N ARG A 66 34.49 -1.55 -14.91
CA ARG A 66 33.38 -2.01 -15.75
CA ARG A 66 33.39 -2.02 -15.75
C ARG A 66 33.28 -1.19 -17.03
N TYR A 67 33.47 0.12 -16.93
CA TYR A 67 33.43 0.97 -18.11
C TYR A 67 34.54 0.61 -19.08
N HIS A 68 35.78 0.56 -18.58
CA HIS A 68 36.93 0.30 -19.45
C HIS A 68 36.83 -1.05 -20.14
N SER A 69 35.95 -1.91 -19.68
CA SER A 69 35.81 -3.26 -20.28
C SER A 69 34.67 -3.32 -21.29
N MET A 70 34.07 -2.18 -21.65
CA MET A 70 32.89 -2.20 -22.55
C MET A 70 33.36 -2.22 -24.02
N LYS A 71 33.07 -1.16 -24.77
CA LYS A 71 33.43 -1.14 -26.22
C LYS A 71 33.65 0.31 -26.67
N ASN A 72 33.66 0.53 -28.00
CA ASN A 72 33.82 1.90 -28.53
C ASN A 72 32.48 2.62 -28.40
N LEU A 73 32.10 3.02 -27.18
CA LEU A 73 30.86 3.75 -26.97
C LEU A 73 30.89 5.06 -27.76
N GLU A 74 29.72 5.60 -28.08
CA GLU A 74 29.70 6.86 -28.84
C GLU A 74 29.70 8.04 -27.87
N TYR A 75 29.81 7.78 -26.56
CA TYR A 75 29.74 8.90 -25.63
C TYR A 75 30.90 8.86 -24.64
N GLN A 76 31.23 10.03 -24.12
CA GLN A 76 32.26 10.15 -23.08
C GLN A 76 31.70 9.77 -21.72
N VAL A 77 32.53 9.11 -20.92
CA VAL A 77 32.17 8.66 -19.58
C VAL A 77 33.21 9.20 -18.62
N ILE A 78 32.75 9.96 -17.62
CA ILE A 78 33.59 10.52 -16.57
C ILE A 78 33.08 9.96 -15.26
N LEU A 79 33.98 9.41 -14.44
CA LEU A 79 33.61 8.76 -13.18
C LEU A 79 34.47 9.36 -12.08
N ILE A 80 33.82 9.89 -11.04
CA ILE A 80 34.45 10.76 -10.07
C ILE A 80 34.07 10.29 -8.67
N THR A 81 35.05 10.22 -7.78
CA THR A 81 34.78 10.00 -6.36
C THR A 81 34.51 11.35 -5.70
N GLY A 82 33.34 11.47 -5.08
CA GLY A 82 33.00 12.70 -4.38
C GLY A 82 31.69 12.51 -3.66
N ASP A 83 31.39 13.44 -2.77
CA ASP A 83 30.19 13.42 -1.94
C ASP A 83 29.21 14.38 -2.60
N CYS A 84 28.21 13.83 -3.29
CA CYS A 84 27.24 14.60 -4.05
CA CYS A 84 27.35 14.75 -4.03
C CYS A 84 26.22 15.29 -3.18
N PHE A 85 26.10 14.89 -1.91
CA PHE A 85 25.06 15.34 -1.01
C PHE A 85 25.58 16.27 0.08
N GLY A 86 26.74 15.99 0.66
CA GLY A 86 27.20 16.74 1.82
C GLY A 86 28.14 17.88 1.52
N GLU A 87 28.61 17.99 0.28
CA GLU A 87 29.55 19.02 -0.10
C GLU A 87 29.13 19.63 -1.43
N SER A 88 29.58 20.86 -1.67
CA SER A 88 29.41 21.47 -2.98
C SER A 88 29.95 20.53 -4.05
N LEU A 89 29.19 20.40 -5.14
CA LEU A 89 29.65 19.56 -6.24
C LEU A 89 30.93 20.10 -6.85
N GLY A 90 31.16 21.41 -6.77
CA GLY A 90 32.40 21.97 -7.30
C GLY A 90 33.64 21.34 -6.70
N VAL A 91 33.55 20.92 -5.44
CA VAL A 91 34.66 20.20 -4.83
C VAL A 91 35.01 18.97 -5.65
N ALA A 92 34.00 18.17 -5.97
CA ALA A 92 34.27 16.88 -6.59
C ALA A 92 34.75 17.03 -8.03
N VAL A 93 34.23 18.01 -8.76
CA VAL A 93 34.49 18.10 -10.19
C VAL A 93 35.59 19.09 -10.55
N GLU A 94 36.20 19.77 -9.58
CA GLU A 94 37.23 20.77 -9.88
C GLU A 94 38.32 20.19 -10.77
N SER A 95 38.72 18.95 -10.50
CA SER A 95 39.85 18.31 -11.16
C SER A 95 39.43 17.51 -12.39
N PHE A 96 38.20 17.69 -12.86
CA PHE A 96 37.69 17.00 -14.05
C PHE A 96 37.12 18.06 -14.98
N PRO A 97 37.99 18.89 -15.56
CA PRO A 97 37.50 19.99 -16.42
C PRO A 97 36.78 19.54 -17.67
N GLU A 98 36.96 18.27 -18.08
CA GLU A 98 36.25 17.74 -19.24
C GLU A 98 34.74 17.66 -19.02
N CYS A 99 34.26 17.71 -17.79
CA CYS A 99 32.82 17.76 -17.57
C CYS A 99 32.23 18.96 -18.31
N ARG A 100 31.08 18.74 -18.90
CA ARG A 100 30.39 19.81 -19.62
C ARG A 100 29.15 20.21 -18.82
N PHE A 101 29.33 21.19 -17.89
CA PHE A 101 28.24 21.79 -17.13
C PHE A 101 27.95 23.17 -17.68
N PRO A 102 26.72 23.64 -17.55
CA PRO A 102 25.55 22.92 -16.99
C PRO A 102 25.09 21.78 -17.88
N CYS A 103 24.47 20.78 -17.24
CA CYS A 103 24.05 19.59 -17.95
CA CYS A 103 24.00 19.53 -17.79
C CYS A 103 22.54 19.63 -18.20
N ASP A 104 22.09 18.66 -18.97
CA ASP A 104 20.70 18.58 -19.37
C ASP A 104 19.83 17.78 -18.41
N ILE A 105 20.40 16.79 -17.75
CA ILE A 105 19.69 15.82 -16.91
CA ILE A 105 19.64 15.96 -16.84
C ILE A 105 20.52 15.55 -15.67
N VAL A 106 19.88 15.41 -14.52
CA VAL A 106 20.50 14.86 -13.32
C VAL A 106 19.66 13.67 -12.91
N SER A 107 20.31 12.54 -12.71
CA SER A 107 19.65 11.29 -12.33
CA SER A 107 19.61 11.34 -12.29
C SER A 107 20.20 10.82 -11.00
N CYS A 108 19.37 10.13 -10.24
CA CYS A 108 19.84 9.51 -9.01
C CYS A 108 18.96 8.32 -8.70
N GLN A 109 19.56 7.13 -8.71
CA GLN A 109 18.84 5.86 -8.62
C GLN A 109 19.07 5.24 -7.26
N PHE A 110 17.96 5.02 -6.55
CA PHE A 110 17.94 4.27 -5.31
C PHE A 110 18.96 4.79 -4.31
N ALA A 111 19.08 6.10 -4.21
CA ALA A 111 20.11 6.67 -3.36
C ALA A 111 19.75 8.03 -2.74
N LEU A 112 18.78 8.77 -3.29
CA LEU A 112 18.62 10.15 -2.85
C LEU A 112 18.13 10.27 -1.42
N HIS A 113 17.50 9.24 -0.90
CA HIS A 113 17.10 9.27 0.50
C HIS A 113 18.26 9.45 1.44
N TYR A 114 19.48 9.07 1.04
CA TYR A 114 20.63 9.34 1.90
C TYR A 114 20.85 10.83 2.10
N ALA A 115 20.44 11.65 1.15
CA ALA A 115 20.56 13.09 1.34
C ALA A 115 19.63 13.62 2.41
N PHE A 116 18.63 12.84 2.84
CA PHE A 116 17.70 13.28 3.86
C PHE A 116 18.18 12.94 5.27
N GLU A 117 19.45 12.58 5.42
CA GLU A 117 20.00 12.40 6.77
C GLU A 117 19.76 13.63 7.64
N THR A 118 19.94 14.81 7.06
CA THR A 118 19.78 16.09 7.74
C THR A 118 19.20 17.08 6.73
N GLU A 119 18.63 18.16 7.25
CA GLU A 119 18.16 19.22 6.37
C GLU A 119 19.33 19.86 5.63
N GLU A 120 20.46 20.00 6.30
CA GLU A 120 21.63 20.60 5.66
C GLU A 120 22.03 19.80 4.43
N LYS A 121 22.03 18.48 4.55
CA LYS A 121 22.40 17.63 3.43
C LYS A 121 21.34 17.65 2.33
N ALA A 122 20.06 17.62 2.69
CA ALA A 122 19.02 17.70 1.69
C ALA A 122 19.15 18.97 0.87
N ARG A 123 19.37 20.10 1.54
CA ARG A 123 19.50 21.38 0.84
C ARG A 123 20.77 21.44 0.02
N ARG A 124 21.87 20.89 0.55
CA ARG A 124 23.11 20.90 -0.21
C ARG A 124 22.99 20.06 -1.47
N MET A 125 22.28 18.94 -1.37
CA MET A 125 21.99 18.12 -2.53
C MET A 125 21.19 18.90 -3.57
N LEU A 126 20.13 19.59 -3.14
CA LEU A 126 19.27 20.29 -4.09
C LEU A 126 20.00 21.45 -4.74
N LEU A 127 20.81 22.17 -3.97
CA LEU A 127 21.61 23.25 -4.52
C LEU A 127 22.60 22.72 -5.55
N ASN A 128 23.20 21.56 -5.26
CA ASN A 128 24.09 20.92 -6.24
C ASN A 128 23.35 20.60 -7.52
N VAL A 129 22.14 20.07 -7.40
CA VAL A 129 21.35 19.70 -8.57
C VAL A 129 21.05 20.94 -9.41
N VAL A 130 20.53 21.99 -8.78
CA VAL A 130 20.06 23.11 -9.60
C VAL A 130 21.22 23.88 -10.19
N LYS A 131 22.33 23.99 -9.46
CA LYS A 131 23.49 24.67 -10.03
C LYS A 131 24.05 23.90 -11.21
N SER A 132 23.83 22.59 -11.25
CA SER A 132 24.39 21.79 -12.33
C SER A 132 23.54 21.80 -13.59
N LEU A 133 22.27 22.15 -13.47
CA LEU A 133 21.28 21.90 -14.53
CA LEU A 133 21.27 21.91 -14.52
C LEU A 133 20.96 23.16 -15.32
N LYS A 134 20.76 22.98 -16.62
CA LYS A 134 20.23 24.06 -17.45
C LYS A 134 18.79 24.36 -17.05
N ILE A 135 18.37 25.62 -17.24
CA ILE A 135 16.95 25.92 -17.18
C ILE A 135 16.23 25.06 -18.20
N GLY A 136 15.12 24.46 -17.78
CA GLY A 136 14.39 23.53 -18.58
C GLY A 136 14.82 22.08 -18.45
N GLY A 137 15.93 21.80 -17.76
CA GLY A 137 16.39 20.44 -17.61
C GLY A 137 15.64 19.69 -16.52
N TYR A 138 15.86 18.39 -16.49
CA TYR A 138 15.15 17.50 -15.58
C TYR A 138 16.06 16.81 -14.57
N PHE A 139 15.50 16.58 -13.39
CA PHE A 139 16.09 15.85 -12.28
C PHE A 139 15.14 14.70 -11.99
N PHE A 140 15.62 13.46 -12.12
CA PHE A 140 14.73 12.31 -12.00
C PHE A 140 15.44 11.14 -11.30
N GLY A 141 14.63 10.20 -10.86
CA GLY A 141 15.20 9.06 -10.18
C GLY A 141 14.15 8.23 -9.48
N THR A 142 14.65 7.40 -8.57
CA THR A 142 13.88 6.34 -7.92
C THR A 142 14.18 6.34 -6.45
N ILE A 143 13.14 6.37 -5.61
CA ILE A 143 13.33 6.47 -4.16
C ILE A 143 12.32 5.57 -3.44
N PRO A 144 12.62 5.23 -2.19
CA PRO A 144 11.56 4.64 -1.37
C PRO A 144 10.40 5.63 -1.27
N ASP A 145 9.19 5.07 -1.32
CA ASP A 145 7.96 5.86 -1.33
C ASP A 145 7.47 6.10 0.10
N SER A 146 7.59 7.34 0.55
CA SER A 146 7.15 7.72 1.89
C SER A 146 5.68 7.42 2.11
N GLU A 147 4.87 7.44 1.06
CA GLU A 147 3.44 7.21 1.25
C GLU A 147 3.15 5.76 1.53
N PHE A 148 3.90 4.84 0.91
CA PHE A 148 3.76 3.43 1.25
C PHE A 148 4.33 3.15 2.63
N ILE A 149 5.45 3.78 2.97
CA ILE A 149 6.00 3.67 4.31
C ILE A 149 4.98 4.12 5.34
N ARG A 150 4.31 5.25 5.11
CA ARG A 150 3.34 5.76 6.06
C ARG A 150 2.17 4.80 6.21
N TYR A 151 1.72 4.20 5.11
CA TYR A 151 0.66 3.20 5.20
C TYR A 151 1.07 2.05 6.12
N LYS A 152 2.25 1.48 5.90
CA LYS A 152 2.70 0.38 6.76
C LYS A 152 2.83 0.83 8.20
N MET A 153 3.40 2.01 8.42
CA MET A 153 3.56 2.53 9.78
C MET A 153 2.21 2.76 10.46
N ASN A 154 1.19 3.15 9.71
CA ASN A 154 -0.13 3.40 10.27
C ASN A 154 -0.82 2.12 10.73
N LYS A 155 -0.26 0.96 10.39
CA LYS A 155 -0.77 -0.33 10.79
C LYS A 155 0.04 -0.93 11.92
N ILE A 156 0.98 -0.19 12.50
CA ILE A 156 1.85 -0.71 13.54
C ILE A 156 1.48 -0.05 14.87
N PRO A 157 1.17 -0.82 15.90
CA PRO A 157 0.81 -0.20 17.18
C PRO A 157 1.99 0.51 17.84
N GLU A 158 1.67 1.52 18.64
CA GLU A 158 2.68 2.29 19.37
C GLU A 158 3.51 1.43 20.33
N SER A 159 3.00 0.28 20.77
CA SER A 159 3.77 -0.59 21.68
C SER A 159 5.04 -1.14 21.03
N VAL A 160 5.15 -1.13 19.70
CA VAL A 160 6.31 -1.72 19.03
C VAL A 160 7.42 -0.69 19.06
N GLU A 161 8.51 -1.03 19.77
CA GLU A 161 9.59 -0.07 19.94
C GLU A 161 10.29 0.23 18.62
N LYS A 162 10.47 -0.77 17.76
CA LYS A 162 11.17 -0.61 16.50
C LYS A 162 10.27 -1.08 15.37
N PRO A 163 9.40 -0.20 14.88
CA PRO A 163 8.41 -0.59 13.88
C PRO A 163 9.03 -1.31 12.70
N SER A 164 8.45 -2.45 12.33
CA SER A 164 9.05 -3.30 11.31
C SER A 164 8.01 -4.05 10.49
N TRP A 165 8.33 -4.23 9.20
CA TRP A 165 7.54 -5.08 8.32
C TRP A 165 8.47 -5.70 7.29
N GLY A 166 7.98 -6.72 6.58
CA GLY A 166 8.79 -7.36 5.57
C GLY A 166 8.19 -8.68 5.12
N ASN A 167 8.96 -9.38 4.28
CA ASN A 167 8.57 -10.68 3.79
C ASN A 167 9.84 -11.51 3.58
N SER A 168 9.74 -12.59 2.81
CA SER A 168 10.86 -13.52 2.71
C SER A 168 12.07 -12.90 2.02
N ILE A 169 11.94 -11.76 1.35
CA ILE A 169 13.08 -11.17 0.64
C ILE A 169 13.43 -9.75 1.07
N TYR A 170 12.63 -9.09 1.91
CA TYR A 170 12.99 -7.74 2.32
C TYR A 170 12.46 -7.46 3.71
N LYS A 171 13.07 -6.47 4.38
CA LYS A 171 12.61 -6.05 5.68
C LYS A 171 12.99 -4.60 5.94
N VAL A 172 12.12 -3.90 6.64
CA VAL A 172 12.29 -2.52 7.08
C VAL A 172 12.17 -2.52 8.59
N THR A 173 13.15 -1.92 9.26
CA THR A 173 13.11 -1.82 10.72
C THR A 173 13.47 -0.40 11.14
N PHE A 174 12.51 0.33 11.69
CA PHE A 174 12.73 1.69 12.13
C PHE A 174 13.54 1.74 13.42
N SER A 175 14.38 2.76 13.54
CA SER A 175 15.21 2.92 14.72
C SER A 175 14.38 3.24 15.94
N ASN A 176 13.26 3.92 15.77
CA ASN A 176 12.39 4.31 16.88
C ASN A 176 10.96 4.39 16.37
N ASN A 177 10.02 4.57 17.32
CA ASN A 177 8.60 4.71 17.03
C ASN A 177 8.09 6.12 17.31
N GLU A 178 8.95 7.13 17.10
CA GLU A 178 8.49 8.49 17.29
C GLU A 178 7.35 8.85 16.34
N TYR A 179 7.28 8.20 15.17
CA TYR A 179 6.16 8.41 14.27
C TYR A 179 4.85 8.09 14.96
N GLN A 180 4.79 6.91 15.58
CA GLN A 180 3.56 6.48 16.23
C GLN A 180 3.26 7.32 17.46
N LYS A 181 4.30 7.64 18.23
CA LYS A 181 4.10 8.48 19.40
C LYS A 181 3.63 9.89 19.06
N ASN A 182 3.91 10.37 17.85
CA ASN A 182 3.58 11.72 17.43
C ASN A 182 2.36 11.76 16.54
N GLY A 183 1.39 10.87 16.78
CA GLY A 183 0.15 10.91 16.04
C GLY A 183 0.26 10.48 14.59
N ASN A 184 1.14 9.52 14.30
CA ASN A 184 1.39 9.06 12.94
C ASN A 184 1.93 10.18 12.06
N GLU A 185 2.92 10.91 12.59
CA GLU A 185 3.65 11.93 11.85
C GLU A 185 5.11 11.90 12.30
N PHE A 186 6.03 12.03 11.37
CA PHE A 186 7.43 12.07 11.73
C PHE A 186 7.72 13.37 12.48
N PRO A 187 8.56 13.33 13.52
CA PRO A 187 8.84 14.58 14.27
C PRO A 187 9.63 15.59 13.47
N SER A 188 10.31 15.14 12.43
CA SER A 188 11.06 15.95 11.50
C SER A 188 11.04 15.23 10.17
N PRO A 189 11.10 15.94 9.04
CA PRO A 189 11.22 15.24 7.75
C PRO A 189 12.58 14.58 7.57
N PHE A 190 13.58 14.94 8.37
CA PHE A 190 14.96 14.55 8.14
C PHE A 190 15.44 13.61 9.25
N GLY A 191 16.37 12.74 8.89
CA GLY A 191 17.01 11.88 9.87
C GLY A 191 16.14 10.77 10.42
N GLN A 192 15.06 10.41 9.74
CA GLN A 192 14.16 9.38 10.24
C GLN A 192 14.68 8.04 9.73
N MET A 193 15.43 7.33 10.57
CA MET A 193 16.21 6.21 10.11
C MET A 193 15.48 4.90 10.22
N TYR A 194 15.71 4.02 9.25
CA TYR A 194 15.28 2.64 9.29
C TYR A 194 16.35 1.82 8.59
N THR A 195 16.54 0.59 9.05
CA THR A 195 17.45 -0.34 8.37
C THR A 195 16.67 -1.10 7.32
N PHE A 196 17.32 -1.33 6.18
CA PHE A 196 16.69 -1.90 5.02
C PHE A 196 17.47 -3.15 4.63
N TRP A 197 16.79 -4.28 4.58
CA TRP A 197 17.36 -5.52 4.08
C TRP A 197 16.62 -5.90 2.80
N LEU A 198 17.38 -6.27 1.78
CA LEU A 198 16.84 -6.85 0.56
C LEU A 198 17.76 -8.01 0.18
N GLU A 199 17.19 -9.20 0.03
CA GLU A 199 17.98 -10.40 -0.21
CA GLU A 199 17.97 -10.40 -0.22
C GLU A 199 19.04 -10.17 -1.28
N ASP A 200 20.29 -10.49 -0.93
CA ASP A 200 21.41 -10.47 -1.87
C ASP A 200 21.58 -9.10 -2.52
N ALA A 201 21.13 -8.03 -1.88
CA ALA A 201 21.25 -6.70 -2.48
C ALA A 201 21.67 -5.62 -1.50
N ILE A 202 20.96 -5.51 -0.37
CA ILE A 202 21.23 -4.50 0.64
C ILE A 202 21.27 -5.19 2.00
N ASP A 203 22.42 -5.11 2.68
CA ASP A 203 22.70 -5.92 3.88
C ASP A 203 22.36 -5.14 5.15
N ASN A 204 21.06 -4.91 5.37
CA ASN A 204 20.53 -4.32 6.60
C ASN A 204 21.11 -2.92 6.86
N VAL A 205 21.12 -2.08 5.83
CA VAL A 205 21.81 -0.80 5.85
C VAL A 205 20.89 0.29 6.37
N PRO A 206 21.37 1.19 7.24
CA PRO A 206 20.53 2.33 7.63
C PRO A 206 20.34 3.31 6.48
N GLU A 207 19.11 3.79 6.35
CA GLU A 207 18.76 4.86 5.42
C GLU A 207 17.66 5.69 6.06
N TYR A 208 17.19 6.72 5.33
CA TYR A 208 16.33 7.74 5.91
C TYR A 208 15.09 7.89 5.05
N VAL A 209 13.96 8.15 5.70
CA VAL A 209 12.76 8.50 4.97
C VAL A 209 13.00 9.77 4.15
N ILE A 210 12.38 9.82 2.96
CA ILE A 210 12.32 11.03 2.14
C ILE A 210 10.86 11.40 1.98
N PRO A 211 10.29 12.15 2.93
CA PRO A 211 8.85 12.49 2.84
C PRO A 211 8.61 13.29 1.57
N PHE A 212 7.74 12.77 0.70
CA PHE A 212 7.68 13.37 -0.64
C PHE A 212 7.25 14.83 -0.57
N GLU A 213 6.33 15.17 0.31
CA GLU A 213 5.87 16.55 0.40
C GLU A 213 7.02 17.51 0.74
N SER A 214 7.95 17.07 1.59
CA SER A 214 9.08 17.92 1.94
C SER A 214 10.09 17.99 0.81
N PHE A 215 10.34 16.88 0.13
CA PHE A 215 11.19 16.88 -1.04
C PHE A 215 10.66 17.86 -2.07
N ARG A 216 9.34 17.82 -2.30
CA ARG A 216 8.73 18.67 -3.31
C ARG A 216 8.78 20.13 -2.90
N SER A 217 8.47 20.44 -1.63
CA SER A 217 8.49 21.82 -1.21
C SER A 217 9.91 22.39 -1.23
N LEU A 218 10.91 21.60 -0.79
CA LEU A 218 12.29 22.07 -0.88
C LEU A 218 12.69 22.26 -2.34
N ALA A 219 12.34 21.30 -3.21
CA ALA A 219 12.70 21.45 -4.61
C ALA A 219 12.13 22.75 -5.20
N ASP A 220 10.88 23.08 -4.84
CA ASP A 220 10.28 24.33 -5.31
C ASP A 220 11.09 25.53 -4.83
N GLU A 221 11.56 25.49 -3.59
CA GLU A 221 12.35 26.61 -3.08
C GLU A 221 13.57 26.85 -3.97
N TYR A 222 14.15 25.78 -4.52
CA TYR A 222 15.36 25.87 -5.34
C TYR A 222 15.06 25.99 -6.83
N GLY A 223 13.79 26.17 -7.22
CA GLY A 223 13.43 26.46 -8.59
C GLY A 223 13.01 25.28 -9.43
N MET A 224 12.69 24.15 -8.82
CA MET A 224 12.30 22.95 -9.55
C MET A 224 10.86 22.62 -9.23
N GLU A 225 10.08 22.35 -10.27
CA GLU A 225 8.66 22.01 -10.14
CA GLU A 225 8.66 22.02 -10.16
C GLU A 225 8.42 20.56 -10.50
N LEU A 226 7.38 19.98 -9.89
CA LEU A 226 7.15 18.55 -10.03
C LEU A 226 6.73 18.17 -11.44
N GLU A 227 7.34 17.09 -11.92
CA GLU A 227 7.02 16.47 -13.20
CA GLU A 227 7.01 16.47 -13.20
C GLU A 227 6.43 15.08 -13.06
N LEU A 228 6.82 14.32 -12.04
CA LEU A 228 6.43 12.92 -11.98
C LEU A 228 6.53 12.46 -10.53
N GLN A 229 5.52 11.71 -10.07
CA GLN A 229 5.50 11.12 -8.73
C GLN A 229 4.89 9.73 -8.71
N LYS A 230 4.89 9.01 -9.81
CA LYS A 230 4.19 7.73 -9.88
C LYS A 230 4.97 6.61 -9.18
N GLY A 231 4.27 5.85 -8.36
CA GLY A 231 4.88 4.66 -7.80
C GLY A 231 5.21 3.67 -8.90
N PHE A 232 6.14 2.75 -8.59
CA PHE A 232 6.61 1.84 -9.64
C PHE A 232 5.45 1.08 -10.29
N ASN A 233 4.50 0.59 -9.49
CA ASN A 233 3.38 -0.16 -10.07
C ASN A 233 2.65 0.68 -11.12
N GLU A 234 2.22 1.89 -10.74
CA GLU A 234 1.44 2.70 -11.67
C GLU A 234 2.27 3.09 -12.87
N PHE A 235 3.53 3.46 -12.63
CA PHE A 235 4.40 3.86 -13.73
C PHE A 235 4.51 2.72 -14.75
N PHE A 236 4.76 1.51 -14.27
CA PHE A 236 4.90 0.38 -15.16
C PHE A 236 3.59 0.09 -15.88
N VAL A 237 2.45 0.13 -15.17
CA VAL A 237 1.18 -0.18 -15.81
C VAL A 237 0.91 0.81 -16.93
N GLU A 238 1.26 2.08 -16.72
CA GLU A 238 1.01 3.11 -17.73
C GLU A 238 1.95 3.00 -18.91
N GLU A 239 3.22 2.65 -18.67
CA GLU A 239 4.24 2.67 -19.72
C GLU A 239 4.36 1.35 -20.47
N ILE A 240 3.93 0.24 -19.89
CA ILE A 240 4.15 -1.06 -20.52
C ILE A 240 3.50 -1.21 -21.90
N PRO A 241 2.35 -0.60 -22.20
CA PRO A 241 1.82 -0.78 -23.57
C PRO A 241 2.75 -0.28 -24.64
N ASN A 242 3.50 0.79 -24.37
CA ASN A 242 4.42 1.33 -25.36
CA ASN A 242 4.42 1.34 -25.36
C ASN A 242 5.81 0.71 -25.29
N TRP A 243 6.05 -0.11 -24.27
CA TRP A 243 7.38 -0.63 -24.05
C TRP A 243 7.52 -2.12 -24.28
N VAL A 244 6.43 -2.88 -24.29
CA VAL A 244 6.53 -4.33 -24.44
C VAL A 244 7.48 -4.67 -25.59
N ASN A 245 7.25 -4.08 -26.76
CA ASN A 245 8.03 -4.40 -27.95
C ASN A 245 9.36 -3.66 -28.02
N ARG A 246 9.62 -2.70 -27.13
CA ARG A 246 10.90 -2.00 -27.13
C ARG A 246 11.93 -2.66 -26.24
N PHE A 247 11.49 -3.42 -25.25
CA PHE A 247 12.42 -4.13 -24.39
C PHE A 247 13.24 -5.12 -25.20
N SER A 248 14.43 -5.43 -24.68
CA SER A 248 15.22 -6.51 -25.23
C SER A 248 14.47 -7.82 -25.08
N PRO A 249 14.77 -8.82 -25.91
CA PRO A 249 14.18 -10.15 -25.70
C PRO A 249 14.34 -10.66 -24.27
N LYS A 250 15.52 -10.50 -23.66
CA LYS A 250 15.70 -11.09 -22.34
C LYS A 250 14.91 -10.34 -21.29
N MET A 251 14.85 -9.01 -21.38
CA MET A 251 14.09 -8.25 -20.40
CA MET A 251 14.09 -8.25 -20.40
C MET A 251 12.59 -8.49 -20.55
N ARG A 252 12.10 -8.53 -21.79
CA ARG A 252 10.68 -8.83 -22.00
C ARG A 252 10.32 -10.19 -21.40
N GLU A 253 11.11 -11.23 -21.69
CA GLU A 253 10.78 -12.55 -21.15
C GLU A 253 10.84 -12.55 -19.62
N GLY A 254 11.80 -11.81 -19.04
CA GLY A 254 11.89 -11.74 -17.60
C GLY A 254 10.67 -11.11 -16.95
N LEU A 255 10.03 -10.17 -17.64
CA LEU A 255 8.85 -9.51 -17.11
C LEU A 255 7.58 -10.32 -17.32
N LYS A 256 7.62 -11.41 -18.08
CA LYS A 256 6.40 -12.13 -18.44
C LYS A 256 5.87 -12.89 -17.23
N ARG A 257 4.59 -12.66 -16.89
CA ARG A 257 3.95 -13.32 -15.76
C ARG A 257 3.35 -14.64 -16.22
N SER A 258 2.88 -15.43 -15.24
CA SER A 258 2.30 -16.72 -15.55
C SER A 258 1.04 -16.60 -16.38
N ASP A 259 0.42 -15.41 -16.43
CA ASP A 259 -0.80 -15.20 -17.19
C ASP A 259 -0.53 -14.59 -18.56
N GLY A 260 0.73 -14.45 -18.96
CA GLY A 260 1.07 -13.90 -20.25
C GLY A 260 1.13 -12.40 -20.32
N ARG A 261 0.69 -11.70 -19.29
CA ARG A 261 0.87 -10.27 -19.18
C ARG A 261 2.24 -10.00 -18.56
N TYR A 262 2.54 -8.74 -18.26
CA TYR A 262 3.87 -8.34 -17.82
C TYR A 262 3.84 -7.62 -16.48
N GLY A 263 4.89 -7.83 -15.71
CA GLY A 263 5.07 -7.14 -14.46
C GLY A 263 5.65 -8.08 -13.44
N VAL A 264 5.35 -7.86 -12.17
CA VAL A 264 5.75 -8.75 -11.09
C VAL A 264 4.51 -9.34 -10.44
N GLU A 265 4.67 -10.55 -9.94
CA GLU A 265 3.64 -11.28 -9.21
C GLU A 265 4.39 -12.09 -8.14
N GLY A 266 3.69 -12.52 -7.11
CA GLY A 266 4.42 -13.26 -6.11
C GLY A 266 5.17 -12.33 -5.16
N VAL A 267 6.05 -12.92 -4.34
CA VAL A 267 6.41 -12.22 -3.12
C VAL A 267 7.22 -10.96 -3.39
N GLU A 268 7.86 -10.86 -4.56
CA GLU A 268 8.60 -9.64 -4.87
C GLU A 268 7.69 -8.47 -5.18
N LYS A 269 6.38 -8.66 -5.32
CA LYS A 269 5.54 -7.55 -5.74
C LYS A 269 5.59 -6.37 -4.76
N GLU A 270 5.53 -6.64 -3.45
CA GLU A 270 5.53 -5.52 -2.51
C GLU A 270 6.83 -4.73 -2.60
N PRO A 271 8.01 -5.32 -2.41
CA PRO A 271 9.23 -4.51 -2.45
C PRO A 271 9.50 -3.90 -3.83
N ALA A 272 9.16 -4.59 -4.92
CA ALA A 272 9.50 -4.07 -6.24
C ALA A 272 8.52 -3.01 -6.69
N ALA A 273 7.23 -3.23 -6.49
CA ALA A 273 6.20 -2.42 -7.14
C ALA A 273 5.53 -1.41 -6.20
N TYR A 274 5.54 -1.65 -4.88
CA TYR A 274 4.96 -0.72 -3.93
CA TYR A 274 4.96 -0.72 -3.93
C TYR A 274 5.97 0.06 -3.12
N PHE A 275 7.10 -0.52 -2.75
CA PHE A 275 7.99 0.16 -1.81
C PHE A 275 8.66 1.37 -2.42
N TYR A 276 8.85 1.40 -3.75
CA TYR A 276 9.53 2.49 -4.42
C TYR A 276 8.64 3.30 -5.34
N THR A 277 9.02 4.56 -5.51
CA THR A 277 8.36 5.48 -6.44
C THR A 277 9.39 6.09 -7.37
N THR A 278 8.92 6.46 -8.56
CA THR A 278 9.67 7.37 -9.39
C THR A 278 9.50 8.80 -8.90
N PHE A 279 10.44 9.65 -9.31
CA PHE A 279 10.27 11.09 -9.14
C PHE A 279 10.90 11.79 -10.33
N ALA A 280 10.36 12.95 -10.65
CA ALA A 280 11.06 13.84 -11.56
C ALA A 280 10.61 15.27 -11.28
N PHE A 281 11.53 16.20 -11.54
CA PHE A 281 11.27 17.62 -11.42
C PHE A 281 11.91 18.31 -12.62
N ARG A 282 11.38 19.47 -12.99
CA ARG A 282 11.98 20.30 -14.02
C ARG A 282 12.47 21.61 -13.41
N LYS A 283 13.68 22.01 -13.80
CA LYS A 283 14.21 23.30 -13.35
C LYS A 283 13.54 24.36 -14.21
N VAL A 284 12.71 25.20 -13.60
CA VAL A 284 11.97 26.22 -14.35
C VAL A 284 12.51 27.63 -14.17
N ARG A 285 13.38 27.86 -13.20
CA ARG A 285 13.89 29.19 -12.92
C ARG A 285 15.25 29.08 -12.25
N ASP A 286 16.03 30.15 -12.38
CA ASP A 286 17.33 30.22 -11.72
C ASP A 286 17.15 30.44 -10.23
N TYR A 287 18.10 29.92 -9.45
CA TYR A 287 18.11 30.08 -8.01
C TYR A 287 19.28 30.98 -7.61
N GLN A 288 18.99 32.01 -6.81
CA GLN A 288 20.01 32.94 -6.37
C GLN A 288 20.78 32.41 -5.16
N SER B 1 -8.53 -19.10 -11.08
CA SER B 1 -8.55 -17.71 -11.53
C SER B 1 -8.29 -16.76 -10.38
N PRO B 2 -7.91 -15.52 -10.71
CA PRO B 2 -7.69 -14.53 -9.63
C PRO B 2 -8.89 -14.35 -8.74
N ILE B 3 -10.11 -14.27 -9.30
CA ILE B 3 -11.26 -14.01 -8.45
C ILE B 3 -11.57 -15.22 -7.57
N ILE B 4 -11.40 -16.44 -8.08
CA ILE B 4 -11.62 -17.60 -7.21
C ILE B 4 -10.63 -17.59 -6.06
N LYS B 5 -9.37 -17.27 -6.35
CA LYS B 5 -8.34 -17.20 -5.32
C LYS B 5 -8.66 -16.13 -4.28
N LEU B 6 -9.15 -14.96 -4.73
CA LEU B 6 -9.55 -13.93 -3.80
C LEU B 6 -10.69 -14.41 -2.90
N ARG B 7 -11.71 -15.05 -3.51
CA ARG B 7 -12.83 -15.53 -2.70
C ARG B 7 -12.38 -16.58 -1.71
N ASN B 8 -11.48 -17.48 -2.12
CA ASN B 8 -11.01 -18.49 -1.18
CA ASN B 8 -10.96 -18.49 -1.20
C ASN B 8 -10.22 -17.83 -0.04
N PHE B 9 -9.38 -16.85 -0.36
CA PHE B 9 -8.60 -16.18 0.67
C PHE B 9 -9.49 -15.44 1.63
N ASN B 10 -10.49 -14.73 1.12
CA ASN B 10 -11.33 -13.95 2.01
C ASN B 10 -12.22 -14.86 2.85
N ASN B 11 -12.62 -16.01 2.31
CA ASN B 11 -13.37 -16.98 3.10
C ASN B 11 -12.50 -17.52 4.22
N ALA B 12 -11.21 -17.75 3.94
CA ALA B 12 -10.31 -18.20 5.00
C ALA B 12 -10.14 -17.14 6.08
N ILE B 13 -9.99 -15.87 5.68
CA ILE B 13 -9.91 -14.79 6.66
C ILE B 13 -11.11 -14.83 7.58
N LYS B 14 -12.31 -14.97 7.01
CA LYS B 14 -13.52 -15.02 7.80
C LYS B 14 -13.52 -16.24 8.73
N TYR B 15 -13.14 -17.41 8.23
CA TYR B 15 -13.08 -18.60 9.08
C TYR B 15 -12.19 -18.33 10.28
N ILE B 16 -10.99 -17.80 10.03
CA ILE B 16 -10.01 -17.58 11.10
C ILE B 16 -10.53 -16.54 12.07
N LEU B 17 -11.10 -15.47 11.56
CA LEU B 17 -11.57 -14.38 12.40
C LEU B 17 -12.74 -14.86 13.27
N ILE B 18 -13.69 -15.56 12.66
CA ILE B 18 -14.81 -16.07 13.46
C ILE B 18 -14.32 -17.01 14.54
N ASP B 19 -13.39 -17.92 14.19
CA ASP B 19 -12.89 -18.84 15.20
C ASP B 19 -12.18 -18.10 16.32
N LYS B 20 -11.47 -17.01 15.96
CA LYS B 20 -10.71 -16.26 16.94
C LYS B 20 -11.60 -15.69 18.04
N PHE B 21 -12.83 -15.26 17.68
CA PHE B 21 -13.69 -14.52 18.58
C PHE B 21 -14.91 -15.30 19.06
N THR B 22 -15.09 -16.55 18.63
CA THR B 22 -16.25 -17.33 18.99
C THR B 22 -15.86 -18.52 19.86
N ARG B 23 -16.61 -18.74 20.95
CA ARG B 23 -16.39 -19.87 21.84
C ARG B 23 -17.66 -20.71 21.89
N ALA B 24 -17.51 -21.97 22.27
CA ALA B 24 -18.64 -22.87 22.33
C ALA B 24 -19.72 -22.32 23.26
N GLY B 25 -20.94 -22.30 22.77
CA GLY B 25 -22.09 -21.83 23.49
C GLY B 25 -22.47 -20.40 23.19
N ASP B 26 -21.61 -19.66 22.50
CA ASP B 26 -21.89 -18.25 22.28
C ASP B 26 -23.14 -18.00 21.43
N VAL B 27 -23.74 -16.84 21.66
CA VAL B 27 -24.79 -16.30 20.80
C VAL B 27 -24.16 -15.19 19.98
N VAL B 28 -24.35 -15.26 18.67
CA VAL B 28 -23.80 -14.26 17.76
C VAL B 28 -24.90 -13.50 17.05
N LEU B 29 -24.72 -12.17 16.97
CA LEU B 29 -25.53 -11.30 16.12
C LEU B 29 -24.67 -10.89 14.94
N GLU B 30 -25.12 -11.21 13.75
CA GLU B 30 -24.40 -10.82 12.54
C GLU B 30 -25.21 -9.70 11.88
N LEU B 31 -24.63 -8.51 11.87
CA LEU B 31 -25.21 -7.35 11.20
C LEU B 31 -24.96 -7.42 9.71
N ALA B 32 -25.94 -6.94 8.95
CA ALA B 32 -25.84 -6.92 7.49
C ALA B 32 -25.43 -8.30 6.97
N CYS B 33 -26.13 -9.31 7.46
CA CYS B 33 -25.73 -10.68 7.19
C CYS B 33 -25.89 -11.08 5.74
N GLY B 34 -26.55 -10.26 4.92
CA GLY B 34 -26.72 -10.61 3.52
C GLY B 34 -27.44 -11.92 3.39
N LYS B 35 -26.91 -12.80 2.53
CA LYS B 35 -27.52 -14.08 2.23
C LYS B 35 -27.14 -15.16 3.23
N GLY B 36 -26.50 -14.80 4.35
CA GLY B 36 -26.22 -15.73 5.42
C GLY B 36 -25.27 -16.86 5.06
N GLY B 37 -24.15 -16.56 4.41
CA GLY B 37 -23.25 -17.59 3.92
C GLY B 37 -22.15 -18.03 4.87
N ASP B 38 -22.12 -17.52 6.11
CA ASP B 38 -21.10 -17.89 7.07
C ASP B 38 -21.62 -18.81 8.17
N LEU B 39 -22.84 -19.33 8.04
CA LEU B 39 -23.42 -20.15 9.12
C LEU B 39 -22.51 -21.30 9.51
N ARG B 40 -21.94 -21.99 8.53
CA ARG B 40 -21.11 -23.14 8.86
C ARG B 40 -19.85 -22.74 9.62
N LYS B 41 -19.37 -21.50 9.41
CA LYS B 41 -18.19 -21.04 10.15
C LYS B 41 -18.52 -20.88 11.64
N TYR B 42 -19.68 -20.32 11.95
CA TYR B 42 -20.10 -20.19 13.34
C TYR B 42 -20.40 -21.55 13.96
N GLY B 43 -21.03 -22.45 13.19
CA GLY B 43 -21.29 -23.79 13.70
C GLY B 43 -20.00 -24.54 14.02
N ALA B 44 -18.99 -24.34 13.18
CA ALA B 44 -17.69 -24.96 13.45
C ALA B 44 -17.13 -24.53 14.80
N ALA B 45 -17.45 -23.31 15.23
CA ALA B 45 -16.97 -22.77 16.50
C ALA B 45 -17.90 -23.10 17.66
N GLY B 46 -19.04 -23.73 17.39
CA GLY B 46 -19.88 -24.24 18.45
C GLY B 46 -20.90 -23.27 19.01
N ILE B 47 -21.37 -22.33 18.20
CA ILE B 47 -22.37 -21.36 18.71
C ILE B 47 -23.61 -22.10 19.17
N SER B 48 -24.38 -21.45 20.04
CA SER B 48 -25.70 -21.94 20.41
C SER B 48 -26.82 -21.26 19.62
N GLN B 49 -26.62 -20.02 19.16
CA GLN B 49 -27.67 -19.31 18.45
C GLN B 49 -27.00 -18.27 17.56
N PHE B 50 -27.50 -18.17 16.32
CA PHE B 50 -27.09 -17.17 15.35
C PHE B 50 -28.30 -16.30 15.07
N ILE B 51 -28.11 -14.98 15.13
CA ILE B 51 -29.15 -14.03 14.76
C ILE B 51 -28.54 -13.20 13.65
N GLY B 52 -29.13 -13.25 12.47
CA GLY B 52 -28.68 -12.45 11.33
C GLY B 52 -29.73 -11.44 10.96
N ILE B 53 -29.29 -10.20 10.72
CA ILE B 53 -30.19 -9.13 10.32
C ILE B 53 -29.66 -8.49 9.06
N ASP B 54 -30.54 -8.24 8.09
CA ASP B 54 -30.14 -7.53 6.88
C ASP B 54 -31.27 -6.64 6.45
N ILE B 55 -30.92 -5.50 5.85
CA ILE B 55 -31.95 -4.56 5.42
C ILE B 55 -32.76 -5.06 4.24
N SER B 56 -32.25 -6.04 3.48
CA SER B 56 -32.89 -6.48 2.25
C SER B 56 -33.73 -7.72 2.52
N ASN B 57 -35.04 -7.59 2.32
CA ASN B 57 -35.89 -8.77 2.40
CA ASN B 57 -35.89 -8.77 2.40
C ASN B 57 -35.52 -9.80 1.35
N ALA B 58 -35.08 -9.37 0.16
CA ALA B 58 -34.63 -10.35 -0.81
C ALA B 58 -33.44 -11.16 -0.29
N SER B 59 -32.53 -10.50 0.40
CA SER B 59 -31.41 -11.25 0.98
C SER B 59 -31.86 -12.19 2.10
N ILE B 60 -32.68 -11.72 3.04
CA ILE B 60 -33.13 -12.57 4.16
C ILE B 60 -33.93 -13.75 3.63
N THR B 61 -34.77 -13.51 2.61
CA THR B 61 -35.51 -14.63 2.02
C THR B 61 -34.55 -15.69 1.49
N GLU B 62 -33.45 -15.27 0.86
CA GLU B 62 -32.49 -16.23 0.34
C GLU B 62 -31.72 -16.90 1.47
N ALA B 63 -31.37 -16.12 2.50
CA ALA B 63 -30.70 -16.72 3.66
C ALA B 63 -31.58 -17.78 4.30
N LEU B 64 -32.89 -17.50 4.45
CA LEU B 64 -33.82 -18.49 5.01
C LEU B 64 -33.93 -19.72 4.13
N LYS B 65 -33.98 -19.53 2.80
CA LYS B 65 -34.02 -20.68 1.91
C LYS B 65 -32.79 -21.54 2.09
N ARG B 66 -31.61 -20.92 2.16
CA ARG B 66 -30.37 -21.68 2.33
C ARG B 66 -30.34 -22.38 3.69
N TYR B 67 -30.71 -21.66 4.76
CA TYR B 67 -30.81 -22.29 6.07
C TYR B 67 -31.75 -23.48 6.06
N HIS B 68 -32.95 -23.31 5.49
CA HIS B 68 -33.95 -24.38 5.54
C HIS B 68 -33.50 -25.63 4.79
N SER B 69 -32.52 -25.47 3.90
CA SER B 69 -31.94 -26.58 3.10
C SER B 69 -30.93 -27.37 3.93
N MET B 70 -30.50 -26.82 5.06
CA MET B 70 -29.49 -27.49 5.94
C MET B 70 -30.21 -28.56 6.77
N LYS B 71 -29.45 -29.48 7.39
CA LYS B 71 -30.21 -30.59 8.01
C LYS B 71 -29.91 -30.93 9.49
N ASN B 72 -28.68 -31.14 9.86
CA ASN B 72 -28.44 -31.66 11.24
C ASN B 72 -27.79 -30.58 12.09
N LEU B 73 -28.46 -29.42 12.24
CA LEU B 73 -27.80 -28.28 12.93
C LEU B 73 -27.92 -28.40 14.45
N GLU B 74 -26.82 -28.08 15.13
CA GLU B 74 -26.78 -28.09 16.58
C GLU B 74 -27.08 -26.72 17.19
N TYR B 75 -27.36 -25.70 16.37
CA TYR B 75 -27.60 -24.35 16.85
C TYR B 75 -28.88 -23.80 16.22
N GLN B 76 -29.48 -22.82 16.90
CA GLN B 76 -30.66 -22.14 16.38
C GLN B 76 -30.24 -21.01 15.45
N VAL B 77 -31.06 -20.78 14.41
CA VAL B 77 -30.84 -19.73 13.41
C VAL B 77 -32.08 -18.83 13.33
N ILE B 78 -31.87 -17.54 13.51
CA ILE B 78 -32.91 -16.51 13.40
C ILE B 78 -32.44 -15.52 12.37
N LEU B 79 -33.30 -15.21 11.39
CA LEU B 79 -33.00 -14.34 10.26
C LEU B 79 -34.08 -13.28 10.13
N ILE B 80 -33.68 -12.02 10.19
CA ILE B 80 -34.58 -10.89 10.37
C ILE B 80 -34.30 -9.81 9.33
N THR B 81 -35.35 -9.30 8.69
CA THR B 81 -35.19 -8.11 7.86
C THR B 81 -35.27 -6.88 8.74
N GLY B 82 -34.24 -6.04 8.67
CA GLY B 82 -34.23 -4.81 9.42
C GLY B 82 -33.01 -3.99 9.08
N ASP B 83 -33.10 -2.71 9.40
CA ASP B 83 -32.03 -1.76 9.12
C ASP B 83 -31.15 -1.71 10.37
N CYS B 84 -30.03 -2.42 10.34
CA CYS B 84 -29.10 -2.53 11.46
CA CYS B 84 -29.26 -2.45 11.58
C CYS B 84 -28.37 -1.23 11.76
N PHE B 85 -28.33 -0.31 10.80
CA PHE B 85 -27.52 0.90 10.90
C PHE B 85 -28.33 2.18 11.01
N GLY B 86 -29.51 2.24 10.38
CA GLY B 86 -30.24 3.49 10.33
C GLY B 86 -31.34 3.59 11.34
N GLU B 87 -31.70 2.46 11.96
CA GLU B 87 -32.81 2.42 12.89
C GLU B 87 -32.38 1.65 14.11
N SER B 88 -33.12 1.84 15.20
CA SER B 88 -32.89 1.03 16.39
C SER B 88 -33.07 -0.45 16.06
N LEU B 89 -32.16 -1.28 16.57
CA LEU B 89 -32.34 -2.71 16.45
C LEU B 89 -33.61 -3.18 17.16
N GLY B 90 -34.07 -2.42 18.16
CA GLY B 90 -35.25 -2.84 18.91
C GLY B 90 -36.47 -3.07 18.04
N VAL B 91 -36.68 -2.19 17.06
CA VAL B 91 -37.84 -2.36 16.18
C VAL B 91 -37.67 -3.61 15.31
N ALA B 92 -36.46 -3.85 14.82
CA ALA B 92 -36.26 -5.02 13.96
C ALA B 92 -36.56 -6.32 14.71
N VAL B 93 -36.16 -6.40 15.98
CA VAL B 93 -36.14 -7.70 16.68
C VAL B 93 -37.31 -7.92 17.63
N GLU B 94 -38.17 -6.93 17.86
CA GLU B 94 -39.20 -7.12 18.88
C GLU B 94 -40.14 -8.25 18.50
N SER B 95 -40.34 -8.48 17.20
CA SER B 95 -41.21 -9.55 16.72
C SER B 95 -40.53 -10.91 16.69
N PHE B 96 -39.28 -11.01 17.13
CA PHE B 96 -38.53 -12.27 17.21
C PHE B 96 -38.09 -12.46 18.65
N PRO B 97 -39.01 -12.79 19.55
CA PRO B 97 -38.65 -12.91 20.97
C PRO B 97 -37.70 -14.07 21.28
N GLU B 98 -37.55 -15.03 20.35
CA GLU B 98 -36.63 -16.15 20.54
C GLU B 98 -35.17 -15.71 20.56
N CYS B 99 -34.87 -14.50 20.08
CA CYS B 99 -33.51 -14.01 20.17
C CYS B 99 -33.07 -13.95 21.61
N ARG B 100 -31.83 -14.34 21.87
CA ARG B 100 -31.27 -14.34 23.21
C ARG B 100 -30.29 -13.18 23.32
N PHE B 101 -30.82 -11.96 23.62
CA PHE B 101 -30.02 -10.78 23.89
C PHE B 101 -29.92 -10.53 25.39
N PRO B 102 -28.82 -9.95 25.86
CA PRO B 102 -27.61 -9.55 25.14
C PRO B 102 -26.81 -10.76 24.65
N CYS B 103 -26.09 -10.59 23.56
CA CYS B 103 -25.34 -11.67 22.94
C CYS B 103 -23.86 -11.56 23.32
N ASP B 104 -23.11 -12.55 22.89
CA ASP B 104 -21.69 -12.63 23.23
C ASP B 104 -20.80 -11.98 22.20
N ILE B 105 -21.23 -11.94 20.95
CA ILE B 105 -20.42 -11.52 19.82
CA ILE B 105 -20.39 -11.42 19.88
C ILE B 105 -21.33 -10.77 18.86
N VAL B 106 -20.83 -9.71 18.24
CA VAL B 106 -21.48 -9.07 17.10
C VAL B 106 -20.46 -9.09 15.97
N SER B 107 -20.90 -9.56 14.80
CA SER B 107 -20.04 -9.70 13.63
CA SER B 107 -20.00 -9.62 13.66
C SER B 107 -20.61 -8.87 12.49
N CYS B 108 -19.77 -8.33 11.63
CA CYS B 108 -20.27 -7.63 10.44
C CYS B 108 -19.19 -7.75 9.38
N GLN B 109 -19.49 -8.45 8.29
CA GLN B 109 -18.52 -8.80 7.27
C GLN B 109 -18.78 -7.96 6.01
N PHE B 110 -17.76 -7.23 5.57
CA PHE B 110 -17.78 -6.51 4.30
C PHE B 110 -19.01 -5.62 4.17
N ALA B 111 -19.40 -4.95 5.26
CA ALA B 111 -20.63 -4.15 5.21
C ALA B 111 -20.63 -2.91 6.11
N LEU B 112 -19.78 -2.86 7.15
CA LEU B 112 -19.95 -1.80 8.14
C LEU B 112 -19.70 -0.42 7.56
N HIS B 113 -18.93 -0.32 6.49
CA HIS B 113 -18.69 0.98 5.88
C HIS B 113 -19.98 1.65 5.43
N TYR B 114 -21.04 0.89 5.16
CA TYR B 114 -22.31 1.51 4.82
C TYR B 114 -22.86 2.34 5.96
N ALA B 115 -22.51 2.00 7.20
CA ALA B 115 -22.95 2.83 8.32
C ALA B 115 -22.30 4.19 8.34
N PHE B 116 -21.20 4.40 7.60
CA PHE B 116 -20.51 5.69 7.56
C PHE B 116 -21.07 6.63 6.52
N GLU B 117 -22.26 6.32 5.99
CA GLU B 117 -22.93 7.26 5.09
C GLU B 117 -23.09 8.61 5.75
N THR B 118 -23.43 8.62 7.05
CA THR B 118 -23.63 9.85 7.81
C THR B 118 -23.18 9.56 9.24
N GLU B 119 -22.93 10.64 10.00
CA GLU B 119 -22.58 10.46 11.41
C GLU B 119 -23.75 9.86 12.17
N GLU B 120 -24.96 10.27 11.82
CA GLU B 120 -26.15 9.74 12.49
C GLU B 120 -26.20 8.23 12.36
N LYS B 121 -25.94 7.72 11.16
CA LYS B 121 -25.96 6.27 10.95
CA LYS B 121 -25.97 6.27 10.96
C LYS B 121 -24.80 5.58 11.66
N ALA B 122 -23.61 6.19 11.65
CA ALA B 122 -22.46 5.56 12.30
C ALA B 122 -22.74 5.40 13.80
N ARG B 123 -23.27 6.45 14.42
CA ARG B 123 -23.58 6.40 15.84
C ARG B 123 -24.75 5.48 16.13
N ARG B 124 -25.77 5.44 15.25
CA ARG B 124 -26.87 4.52 15.45
C ARG B 124 -26.41 3.06 15.37
N MET B 125 -25.50 2.77 14.45
CA MET B 125 -24.91 1.45 14.38
C MET B 125 -24.19 1.11 15.69
N LEU B 126 -23.38 2.05 16.19
CA LEU B 126 -22.62 1.75 17.40
C LEU B 126 -23.52 1.57 18.59
N LEU B 127 -24.57 2.39 18.70
CA LEU B 127 -25.53 2.21 19.78
CA LEU B 127 -25.54 2.21 19.77
C LEU B 127 -26.20 0.84 19.68
N ASN B 128 -26.55 0.43 18.45
CA ASN B 128 -27.16 -0.88 18.27
C ASN B 128 -26.22 -2.00 18.72
N VAL B 129 -24.94 -1.87 18.37
CA VAL B 129 -23.96 -2.90 18.75
C VAL B 129 -23.83 -2.98 20.27
N VAL B 130 -23.61 -1.85 20.93
CA VAL B 130 -23.30 -1.94 22.36
C VAL B 130 -24.53 -2.33 23.16
N LYS B 131 -25.73 -1.91 22.73
CA LYS B 131 -26.93 -2.32 23.45
C LYS B 131 -27.18 -3.81 23.31
N SER B 132 -26.68 -4.43 22.24
CA SER B 132 -26.91 -5.85 22.00
CA SER B 132 -26.93 -5.86 22.01
C SER B 132 -25.93 -6.75 22.73
N LEU B 133 -24.76 -6.23 23.09
CA LEU B 133 -23.62 -7.03 23.50
C LEU B 133 -23.43 -7.02 25.02
N LYS B 134 -23.04 -8.18 25.56
CA LYS B 134 -22.65 -8.24 26.95
C LYS B 134 -21.35 -7.49 27.18
N ILE B 135 -21.22 -6.94 28.38
CA ILE B 135 -19.91 -6.43 28.81
C ILE B 135 -18.92 -7.58 28.73
N GLY B 136 -17.76 -7.28 28.15
CA GLY B 136 -16.73 -8.26 27.87
C GLY B 136 -16.84 -8.90 26.51
N GLY B 137 -17.94 -8.68 25.80
CA GLY B 137 -18.12 -9.29 24.50
C GLY B 137 -17.39 -8.53 23.40
N TYR B 138 -17.33 -9.14 22.22
CA TYR B 138 -16.54 -8.62 21.11
C TYR B 138 -17.41 -8.26 19.90
N PHE B 139 -16.94 -7.23 19.18
CA PHE B 139 -17.55 -6.73 17.94
C PHE B 139 -16.42 -6.83 16.91
N PHE B 140 -16.60 -7.63 15.86
CA PHE B 140 -15.51 -7.87 14.92
C PHE B 140 -16.02 -7.98 13.49
N GLY B 141 -15.10 -7.85 12.54
CA GLY B 141 -15.51 -7.89 11.15
C GLY B 141 -14.37 -7.48 10.21
N THR B 142 -14.80 -7.21 8.99
CA THR B 142 -13.91 -6.99 7.86
C THR B 142 -14.41 -5.77 7.10
N ILE B 143 -13.52 -4.81 6.84
CA ILE B 143 -13.90 -3.56 6.20
C ILE B 143 -12.83 -3.14 5.22
N PRO B 144 -13.18 -2.30 4.26
CA PRO B 144 -12.14 -1.62 3.48
C PRO B 144 -11.21 -0.87 4.43
N ASP B 145 -9.91 -0.93 4.14
CA ASP B 145 -8.88 -0.31 4.97
C ASP B 145 -8.65 1.13 4.52
N SER B 146 -9.09 2.09 5.33
CA SER B 146 -8.89 3.49 5.03
C SER B 146 -7.43 3.88 4.90
N GLU B 147 -6.53 3.16 5.53
CA GLU B 147 -5.13 3.52 5.44
C GLU B 147 -4.57 3.17 4.07
N PHE B 148 -5.01 2.05 3.49
CA PHE B 148 -4.61 1.73 2.13
C PHE B 148 -5.28 2.68 1.14
N ILE B 149 -6.53 3.03 1.39
CA ILE B 149 -7.22 4.01 0.54
C ILE B 149 -6.46 5.32 0.57
N ARG B 150 -6.03 5.78 1.74
CA ARG B 150 -5.31 7.04 1.81
C ARG B 150 -4.00 6.98 1.06
N TYR B 151 -3.30 5.85 1.15
CA TYR B 151 -2.06 5.68 0.40
C TYR B 151 -2.32 5.86 -1.08
N LYS B 152 -3.32 5.16 -1.63
CA LYS B 152 -3.63 5.30 -3.05
C LYS B 152 -4.06 6.73 -3.40
N MET B 153 -4.89 7.34 -2.56
CA MET B 153 -5.32 8.72 -2.80
C MET B 153 -4.18 9.73 -2.77
N ASN B 154 -3.15 9.47 -1.95
CA ASN B 154 -1.98 10.32 -1.81
C ASN B 154 -1.10 10.28 -3.05
N LYS B 155 -1.37 9.37 -3.97
CA LYS B 155 -0.63 9.23 -5.22
C LYS B 155 -1.41 9.76 -6.41
N ILE B 156 -2.55 10.37 -6.19
CA ILE B 156 -3.42 10.85 -7.26
C ILE B 156 -3.37 12.37 -7.31
N PRO B 157 -3.03 12.97 -8.46
CA PRO B 157 -2.95 14.43 -8.51
C PRO B 157 -4.32 15.06 -8.35
N GLU B 158 -4.32 16.31 -7.86
CA GLU B 158 -5.56 17.04 -7.66
C GLU B 158 -6.32 17.31 -8.97
N SER B 159 -5.63 17.29 -10.11
CA SER B 159 -6.30 17.53 -11.39
C SER B 159 -7.35 16.46 -11.70
N VAL B 160 -7.26 15.30 -11.05
CA VAL B 160 -8.18 14.20 -11.33
C VAL B 160 -9.50 14.46 -10.60
N GLU B 161 -10.58 14.63 -11.38
CA GLU B 161 -11.88 14.98 -10.82
C GLU B 161 -12.44 13.84 -9.97
N LYS B 162 -12.29 12.60 -10.43
CA LYS B 162 -12.85 11.41 -9.78
C LYS B 162 -11.72 10.42 -9.51
N PRO B 163 -11.01 10.60 -8.38
CA PRO B 163 -9.81 9.80 -8.13
C PRO B 163 -10.10 8.31 -8.25
N SER B 164 -9.28 7.60 -9.01
CA SER B 164 -9.56 6.19 -9.28
C SER B 164 -8.28 5.35 -9.35
N TRP B 165 -8.40 4.10 -8.92
CA TRP B 165 -7.35 3.11 -9.14
C TRP B 165 -7.97 1.73 -9.29
N GLY B 166 -7.18 0.78 -9.78
CA GLY B 166 -7.70 -0.56 -9.95
C GLY B 166 -6.75 -1.41 -10.74
N ASN B 167 -7.22 -2.62 -11.06
CA ASN B 167 -6.50 -3.57 -11.90
C ASN B 167 -7.51 -4.39 -12.69
N SER B 168 -7.09 -5.53 -13.21
CA SER B 168 -7.96 -6.29 -14.10
C SER B 168 -9.19 -6.87 -13.41
N ILE B 169 -9.20 -6.95 -12.08
CA ILE B 169 -10.35 -7.53 -11.37
C ILE B 169 -11.05 -6.59 -10.38
N TYR B 170 -10.57 -5.38 -10.14
CA TYR B 170 -11.26 -4.47 -9.25
C TYR B 170 -10.95 -3.02 -9.59
N LYS B 171 -11.82 -2.13 -9.14
CA LYS B 171 -11.65 -0.70 -9.37
C LYS B 171 -12.38 0.09 -8.29
N VAL B 172 -11.79 1.19 -7.90
CA VAL B 172 -12.31 2.16 -6.93
C VAL B 172 -12.39 3.50 -7.65
N THR B 173 -13.55 4.15 -7.59
CA THR B 173 -13.72 5.47 -8.21
C THR B 173 -14.43 6.43 -7.27
N PHE B 174 -13.72 7.44 -6.79
CA PHE B 174 -14.30 8.40 -5.87
C PHE B 174 -15.26 9.36 -6.57
N SER B 175 -16.31 9.75 -5.86
CA SER B 175 -17.30 10.66 -6.40
C SER B 175 -16.72 12.05 -6.62
N ASN B 176 -15.76 12.44 -5.78
CA ASN B 176 -15.14 13.75 -5.92
C ASN B 176 -13.70 13.68 -5.39
N ASN B 177 -12.99 14.78 -5.57
CA ASN B 177 -11.59 14.91 -5.18
C ASN B 177 -11.42 15.90 -4.03
N GLU B 178 -12.43 16.00 -3.16
CA GLU B 178 -12.29 16.90 -2.02
C GLU B 178 -11.14 16.48 -1.10
N TYR B 179 -10.82 15.18 -1.06
CA TYR B 179 -9.64 14.72 -0.32
C TYR B 179 -8.38 15.46 -0.78
N GLN B 180 -8.14 15.47 -2.11
CA GLN B 180 -6.94 16.08 -2.64
C GLN B 180 -6.97 17.59 -2.48
N LYS B 181 -8.15 18.20 -2.68
CA LYS B 181 -8.27 19.64 -2.54
C LYS B 181 -8.08 20.09 -1.10
N ASN B 182 -8.33 19.22 -0.13
CA ASN B 182 -8.27 19.52 1.28
C ASN B 182 -6.95 19.07 1.91
N GLY B 183 -5.87 19.12 1.16
CA GLY B 183 -4.57 18.76 1.71
C GLY B 183 -4.43 17.28 2.03
N ASN B 184 -5.02 16.40 1.23
CA ASN B 184 -4.98 14.97 1.47
C ASN B 184 -5.65 14.63 2.79
N GLU B 185 -6.83 15.18 3.01
CA GLU B 185 -7.66 14.83 4.15
C GLU B 185 -9.13 14.89 3.74
N PHE B 186 -9.90 13.92 4.19
CA PHE B 186 -11.33 13.96 3.92
C PHE B 186 -11.95 15.13 4.69
N PRO B 187 -12.89 15.87 4.06
CA PRO B 187 -13.49 17.03 4.77
C PRO B 187 -14.39 16.63 5.92
N SER B 188 -14.88 15.39 5.91
CA SER B 188 -15.68 14.81 6.96
C SER B 188 -15.33 13.34 7.00
N PRO B 189 -15.40 12.68 8.15
CA PRO B 189 -15.23 11.22 8.16
C PRO B 189 -16.37 10.48 7.47
N PHE B 190 -17.50 11.14 7.27
CA PHE B 190 -18.73 10.47 6.86
C PHE B 190 -19.11 10.89 5.45
N GLY B 191 -19.77 9.97 4.76
CA GLY B 191 -20.34 10.28 3.47
C GLY B 191 -19.35 10.43 2.34
N GLN B 192 -18.15 9.90 2.49
CA GLN B 192 -17.10 10.04 1.47
C GLN B 192 -17.26 8.85 0.53
N MET B 193 -17.94 9.10 -0.59
CA MET B 193 -18.40 8.01 -1.43
C MET B 193 -17.44 7.66 -2.54
N TYR B 194 -17.33 6.36 -2.81
CA TYR B 194 -16.64 5.83 -3.98
C TYR B 194 -17.42 4.62 -4.48
N THR B 195 -17.36 4.39 -5.79
CA THR B 195 -17.94 3.18 -6.33
CA THR B 195 -17.93 3.19 -6.39
C THR B 195 -16.89 2.09 -6.40
N PHE B 196 -17.32 0.87 -6.07
CA PHE B 196 -16.43 -0.27 -5.97
C PHE B 196 -16.87 -1.33 -6.96
N TRP B 197 -15.95 -1.77 -7.80
CA TRP B 197 -16.16 -2.89 -8.70
C TRP B 197 -15.20 -4.01 -8.32
N LEU B 198 -15.72 -5.22 -8.21
CA LEU B 198 -14.91 -6.44 -8.05
C LEU B 198 -15.52 -7.48 -8.98
N GLU B 199 -14.72 -8.04 -9.88
CA GLU B 199 -15.19 -8.98 -10.90
C GLU B 199 -16.15 -10.02 -10.34
N ASP B 200 -17.34 -10.09 -10.95
CA ASP B 200 -18.37 -11.07 -10.60
C ASP B 200 -18.61 -11.13 -9.10
N ALA B 201 -18.50 -9.99 -8.42
CA ALA B 201 -18.81 -9.97 -7.01
C ALA B 201 -19.59 -8.72 -6.63
N ILE B 202 -19.11 -7.55 -7.02
CA ILE B 202 -19.71 -6.27 -6.66
C ILE B 202 -19.79 -5.41 -7.92
N ASP B 203 -20.99 -5.03 -8.32
CA ASP B 203 -21.25 -4.44 -9.64
C ASP B 203 -21.22 -2.91 -9.56
N ASN B 204 -20.04 -2.37 -9.29
CA ASN B 204 -19.81 -0.92 -9.36
C ASN B 204 -20.71 -0.18 -8.37
N VAL B 205 -20.72 -0.63 -7.12
CA VAL B 205 -21.70 -0.18 -6.15
C VAL B 205 -21.14 0.96 -5.32
N PRO B 206 -21.89 2.03 -5.05
CA PRO B 206 -21.36 3.07 -4.16
C PRO B 206 -21.26 2.58 -2.72
N GLU B 207 -20.18 2.99 -2.06
CA GLU B 207 -20.00 2.76 -0.63
C GLU B 207 -19.23 3.95 -0.06
N TYR B 208 -18.89 3.90 1.24
CA TYR B 208 -18.31 5.04 1.93
C TYR B 208 -17.03 4.65 2.64
N VAL B 209 -16.06 5.56 2.67
CA VAL B 209 -14.88 5.32 3.47
C VAL B 209 -15.28 5.17 4.95
N ILE B 210 -14.56 4.31 5.66
CA ILE B 210 -14.69 4.18 7.13
C ILE B 210 -13.33 4.53 7.72
N PRO B 211 -13.03 5.80 7.95
CA PRO B 211 -11.69 6.19 8.47
C PRO B 211 -11.46 5.50 9.81
N PHE B 212 -10.39 4.71 9.91
CA PHE B 212 -10.27 3.84 11.06
C PHE B 212 -10.18 4.64 12.35
N GLU B 213 -9.46 5.75 12.31
CA GLU B 213 -9.32 6.56 13.51
C GLU B 213 -10.66 7.10 14.00
N SER B 214 -11.58 7.41 13.08
CA SER B 214 -12.91 7.90 13.46
C SER B 214 -13.76 6.76 13.99
N PHE B 215 -13.72 5.60 13.33
CA PHE B 215 -14.38 4.41 13.86
C PHE B 215 -13.91 4.12 15.29
N ARG B 216 -12.60 4.16 15.52
CA ARG B 216 -12.06 3.83 16.83
C ARG B 216 -12.46 4.87 17.87
N SER B 217 -12.37 6.15 17.54
N SER B 217 -12.40 6.16 17.53
CA SER B 217 -12.76 7.19 18.49
CA SER B 217 -12.76 7.17 18.52
C SER B 217 -14.23 7.07 18.84
C SER B 217 -14.25 7.15 18.84
N LEU B 218 -15.09 6.94 17.82
CA LEU B 218 -16.52 6.79 18.08
C LEU B 218 -16.78 5.57 18.96
N ALA B 219 -16.16 4.44 18.63
CA ALA B 219 -16.42 3.22 19.39
C ALA B 219 -16.06 3.40 20.86
N ASP B 220 -14.96 4.13 21.13
CA ASP B 220 -14.56 4.40 22.51
C ASP B 220 -15.64 5.19 23.27
N GLU B 221 -16.33 6.12 22.59
CA GLU B 221 -17.39 6.88 23.25
C GLU B 221 -18.50 5.95 23.74
N TYR B 222 -18.68 4.80 23.08
CA TYR B 222 -19.70 3.83 23.46
C TYR B 222 -19.14 2.67 24.26
N GLY B 223 -17.93 2.83 24.83
CA GLY B 223 -17.39 1.84 25.73
C GLY B 223 -16.74 0.64 25.06
N MET B 224 -16.39 0.75 23.79
CA MET B 224 -15.72 -0.32 23.07
C MET B 224 -14.30 0.10 22.75
N GLU B 225 -13.35 -0.72 23.15
CA GLU B 225 -11.93 -0.44 22.98
C GLU B 225 -11.29 -1.40 21.97
N LEU B 226 -10.24 -0.92 21.32
CA LEU B 226 -9.69 -1.68 20.19
C LEU B 226 -9.07 -3.00 20.65
N GLU B 227 -9.38 -4.05 19.91
CA GLU B 227 -8.80 -5.37 20.04
C GLU B 227 -7.93 -5.77 18.87
N LEU B 228 -8.27 -5.37 17.65
CA LEU B 228 -7.60 -5.89 16.46
C LEU B 228 -7.76 -4.90 15.32
N GLN B 229 -6.68 -4.66 14.57
CA GLN B 229 -6.69 -3.73 13.44
C GLN B 229 -5.84 -4.27 12.28
N LYS B 230 -5.54 -5.56 12.23
CA LYS B 230 -4.58 -6.07 11.27
C LYS B 230 -5.17 -6.16 9.86
N GLY B 231 -4.44 -5.65 8.87
CA GLY B 231 -4.85 -5.85 7.49
C GLY B 231 -4.86 -7.32 7.13
N PHE B 232 -5.64 -7.66 6.11
CA PHE B 232 -5.78 -9.07 5.77
C PHE B 232 -4.42 -9.78 5.61
N ASN B 233 -3.47 -9.15 4.92
CA ASN B 233 -2.19 -9.81 4.70
C ASN B 233 -1.50 -10.15 6.03
N GLU B 234 -1.38 -9.18 6.91
CA GLU B 234 -0.70 -9.42 8.19
C GLU B 234 -1.46 -10.45 8.99
N PHE B 235 -2.79 -10.33 9.02
CA PHE B 235 -3.59 -11.26 9.81
C PHE B 235 -3.37 -12.68 9.31
N PHE B 236 -3.43 -12.87 8.00
CA PHE B 236 -3.22 -14.20 7.43
C PHE B 236 -1.83 -14.71 7.75
N VAL B 237 -0.80 -13.89 7.55
CA VAL B 237 0.57 -14.32 7.79
C VAL B 237 0.71 -14.83 9.22
N GLU B 238 0.10 -14.13 10.17
CA GLU B 238 0.27 -14.48 11.56
C GLU B 238 -0.54 -15.73 11.93
N GLU B 239 -1.73 -15.88 11.34
CA GLU B 239 -2.63 -16.93 11.77
C GLU B 239 -2.55 -18.23 10.98
N ILE B 240 -2.04 -18.23 9.77
CA ILE B 240 -2.04 -19.44 8.90
C ILE B 240 -1.32 -20.66 9.54
N PRO B 241 -0.23 -20.52 10.30
CA PRO B 241 0.45 -21.70 10.84
C PRO B 241 -0.45 -22.61 11.67
N ASN B 242 -1.46 -22.08 12.34
CA ASN B 242 -2.45 -22.85 13.14
C ASN B 242 -3.54 -23.44 12.28
N TRP B 243 -3.74 -22.89 11.08
CA TRP B 243 -4.87 -23.25 10.21
C TRP B 243 -4.43 -23.99 8.96
N VAL B 244 -3.13 -24.09 8.68
CA VAL B 244 -2.61 -24.90 7.53
C VAL B 244 -3.09 -26.36 7.63
N ASN B 245 -3.33 -26.91 8.80
CA ASN B 245 -3.71 -28.35 8.98
C ASN B 245 -5.18 -28.42 9.42
N ARG B 246 -5.79 -27.26 9.64
CA ARG B 246 -7.18 -27.13 10.16
C ARG B 246 -8.15 -27.19 8.97
N PHE B 247 -7.83 -26.48 7.88
CA PHE B 247 -8.66 -26.47 6.68
C PHE B 247 -8.72 -27.88 6.11
N SER B 248 -9.63 -28.11 5.20
CA SER B 248 -9.68 -29.41 4.50
C SER B 248 -8.56 -29.41 3.47
N PRO B 249 -8.27 -30.52 2.78
CA PRO B 249 -7.30 -30.49 1.69
C PRO B 249 -7.73 -29.51 0.63
N LYS B 250 -8.98 -29.04 0.61
CA LYS B 250 -9.52 -28.18 -0.49
C LYS B 250 -9.35 -26.67 -0.27
N MET B 251 -9.67 -26.14 0.90
CA MET B 251 -9.38 -24.71 1.14
C MET B 251 -7.86 -24.66 1.15
N ARG B 252 -7.21 -25.68 1.71
CA ARG B 252 -5.76 -25.60 1.81
C ARG B 252 -5.13 -25.51 0.43
N GLU B 253 -5.53 -26.39 -0.49
CA GLU B 253 -5.03 -26.31 -1.86
C GLU B 253 -5.41 -24.99 -2.52
N GLY B 254 -6.59 -24.47 -2.19
CA GLY B 254 -7.03 -23.19 -2.72
C GLY B 254 -6.35 -21.98 -2.13
N LEU B 255 -5.48 -22.16 -1.13
CA LEU B 255 -4.67 -21.10 -0.57
C LEU B 255 -3.20 -21.24 -0.91
N LYS B 256 -2.84 -22.26 -1.68
CA LYS B 256 -1.44 -22.58 -1.96
C LYS B 256 -0.94 -21.77 -3.14
N ARG B 257 0.22 -21.14 -2.98
CA ARG B 257 0.82 -20.32 -4.02
C ARG B 257 1.67 -21.18 -4.96
N SER B 258 2.31 -20.53 -5.93
CA SER B 258 3.16 -21.25 -6.88
C SER B 258 4.43 -21.77 -6.21
N ASP B 259 4.89 -21.11 -5.16
CA ASP B 259 6.03 -21.60 -4.40
C ASP B 259 5.64 -22.64 -3.36
N GLY B 260 4.38 -23.07 -3.36
CA GLY B 260 3.91 -24.06 -2.44
C GLY B 260 3.59 -23.54 -1.05
N ARG B 261 3.84 -22.26 -0.80
CA ARG B 261 3.47 -21.66 0.47
C ARG B 261 2.05 -21.11 0.36
N TYR B 262 1.52 -20.67 1.50
CA TYR B 262 0.14 -20.21 1.55
C TYR B 262 0.07 -18.70 1.46
N GLY B 263 -0.98 -18.23 0.80
CA GLY B 263 -1.29 -16.82 0.69
C GLY B 263 -1.96 -16.52 -0.64
N VAL B 264 -1.88 -15.25 -1.06
CA VAL B 264 -2.32 -14.82 -2.37
C VAL B 264 -1.12 -14.24 -3.10
N GLU B 265 -1.12 -14.39 -4.42
CA GLU B 265 -0.10 -13.85 -5.29
C GLU B 265 -0.82 -13.35 -6.53
N GLY B 266 -0.15 -12.52 -7.32
CA GLY B 266 -0.74 -12.15 -8.59
C GLY B 266 -1.71 -10.99 -8.56
N VAL B 267 -2.62 -10.97 -9.51
CA VAL B 267 -3.43 -9.76 -9.66
C VAL B 267 -4.35 -9.62 -8.47
N GLU B 268 -4.77 -10.74 -7.87
CA GLU B 268 -5.70 -10.71 -6.74
C GLU B 268 -5.04 -10.21 -5.47
N LYS B 269 -3.73 -10.03 -5.45
CA LYS B 269 -3.08 -9.71 -4.18
C LYS B 269 -3.53 -8.35 -3.63
N GLU B 270 -3.61 -7.32 -4.49
CA GLU B 270 -3.95 -6.00 -3.97
C GLU B 270 -5.37 -6.00 -3.40
N PRO B 271 -6.42 -6.38 -4.16
CA PRO B 271 -7.77 -6.35 -3.56
C PRO B 271 -7.97 -7.34 -2.41
N ALA B 272 -7.35 -8.52 -2.46
CA ALA B 272 -7.59 -9.49 -1.40
C ALA B 272 -6.81 -9.17 -0.15
N ALA B 273 -5.55 -8.78 -0.28
CA ALA B 273 -4.64 -8.72 0.86
C ALA B 273 -4.36 -7.32 1.38
N TYR B 274 -4.47 -6.28 0.54
CA TYR B 274 -4.22 -4.90 0.96
C TYR B 274 -5.49 -4.08 1.12
N PHE B 275 -6.52 -4.28 0.28
CA PHE B 275 -7.63 -3.34 0.27
C PHE B 275 -8.48 -3.45 1.54
N TYR B 276 -8.50 -4.61 2.19
CA TYR B 276 -9.32 -4.85 3.36
C TYR B 276 -8.51 -5.07 4.62
N THR B 277 -9.13 -4.69 5.75
CA THR B 277 -8.58 -4.97 7.07
C THR B 277 -9.59 -5.71 7.94
N THR B 278 -9.06 -6.48 8.88
CA THR B 278 -9.88 -6.94 10.00
C THR B 278 -10.09 -5.81 10.98
N PHE B 279 -11.12 -5.95 11.81
CA PHE B 279 -11.26 -5.10 12.99
C PHE B 279 -11.89 -5.92 14.10
N ALA B 280 -11.59 -5.52 15.34
CA ALA B 280 -12.35 -5.99 16.47
C ALA B 280 -12.21 -5.01 17.61
N PHE B 281 -13.29 -4.93 18.41
CA PHE B 281 -13.34 -4.13 19.61
C PHE B 281 -13.94 -5.01 20.70
N ARG B 282 -13.61 -4.68 21.94
CA ARG B 282 -14.24 -5.32 23.10
C ARG B 282 -15.09 -4.29 23.84
N LYS B 283 -16.30 -4.69 24.22
CA LYS B 283 -17.14 -3.83 25.05
C LYS B 283 -16.61 -3.97 26.48
N VAL B 284 -15.90 -2.96 26.95
CA VAL B 284 -15.27 -3.08 28.26
C VAL B 284 -16.10 -2.50 29.38
N ARG B 285 -17.15 -1.75 29.06
CA ARG B 285 -17.98 -1.08 30.05
C ARG B 285 -19.31 -0.73 29.40
N ASP B 286 -20.31 -0.49 30.27
CA ASP B 286 -21.56 0.15 29.88
C ASP B 286 -21.28 1.65 29.87
N TYR B 287 -21.32 2.26 28.68
CA TYR B 287 -20.99 3.68 28.56
C TYR B 287 -21.96 4.56 29.32
N GLN B 288 -23.09 4.03 29.76
CA GLN B 288 -24.07 4.77 30.55
C GLN B 288 -23.96 4.48 32.05
N GLU B 289 -22.96 3.71 32.48
CA GLU B 289 -22.89 3.35 33.89
C GLU B 289 -22.62 4.55 34.79
#